data_6SOT
#
_entry.id   6SOT
#
_cell.length_a   46.001
_cell.length_b   85.815
_cell.length_c   127.218
_cell.angle_alpha   90.000
_cell.angle_beta   90.000
_cell.angle_gamma   90.000
#
_symmetry.space_group_name_H-M   'P 21 21 21'
#
loop_
_entity.id
_entity.type
_entity.pdbx_description
1 polymer 'Mitogen-activated protein kinase 14'
2 non-polymer 1-(4-methylphenyl)pyrrolidine-2,5-dione
3 non-polymer 'CHLORIDE ION'
4 non-polymer 'MAGNESIUM ION'
5 non-polymer 'SULFATE ION'
6 non-polymer 1,2-ETHANEDIOL
7 water water
#
_entity_poly.entity_id   1
_entity_poly.type   'polypeptide(L)'
_entity_poly.pdbx_seq_one_letter_code
;MGSSHHHHHHSQDPENLYFQGMSQERPTFYRQELNKTIWEVPERYQNLSPVGSGAYGSVCAAFDTKTGHRVAVKKLSRPF
QSIIHAKRTYRELRLLKHMKHENVIGLLDVFTPARSLEEFNDVYLVTHLMGADLNNIVKCQKLTDDHVQFLIYQILRGLK
YIHSADIIHRDLKPSNLAVNEDCELKILDFGLARHTDDEMTGYVATRWYRAPEIMLNWMHYNQTVDIWSVGCIMAELLTG
RTLFPGTDHIDQLKLILRLVGTPGAELLKKISSESARNYIQSLAQMPKMNFANVFIGANPLAVDLLEKMLVLDSDKRITA
AQALAHAYFAQYHDPDDEPVADPYDQSFESRDLLIDEWKSLTYDEVISFVPPPLDQEEMES
;
_entity_poly.pdbx_strand_id   A
#
loop_
_chem_comp.id
_chem_comp.type
_chem_comp.name
_chem_comp.formula
CL non-polymer 'CHLORIDE ION' 'Cl -1'
EDO non-polymer 1,2-ETHANEDIOL 'C2 H6 O2'
LOQ non-polymer 1-(4-methylphenyl)pyrrolidine-2,5-dione 'C11 H11 N O2'
MG non-polymer 'MAGNESIUM ION' 'Mg 2'
SO4 non-polymer 'SULFATE ION' 'O4 S -2'
#
# COMPACT_ATOMS: atom_id res chain seq x y z
N ARG A 26 -26.58 12.52 17.10
CA ARG A 26 -26.65 11.23 16.42
C ARG A 26 -27.64 11.27 15.26
N PRO A 27 -27.19 10.91 14.05
CA PRO A 27 -28.10 10.84 12.92
C PRO A 27 -29.12 9.72 13.09
N THR A 28 -30.17 9.79 12.26
CA THR A 28 -31.13 8.69 12.15
C THR A 28 -30.56 7.63 11.21
N PHE A 29 -30.68 6.37 11.60
CA PHE A 29 -30.23 5.24 10.81
C PHE A 29 -31.44 4.53 10.18
N TYR A 30 -31.21 3.89 9.04
CA TYR A 30 -32.20 2.99 8.45
C TYR A 30 -31.55 1.65 8.10
N ARG A 31 -32.35 0.60 8.12
CA ARG A 31 -31.89 -0.78 7.93
C ARG A 31 -32.37 -1.35 6.61
N GLN A 32 -31.54 -2.19 6.01
CA GLN A 32 -31.94 -2.92 4.82
C GLN A 32 -31.05 -4.14 4.65
N GLU A 33 -31.59 -5.16 4.01
CA GLU A 33 -30.86 -6.39 3.70
C GLU A 33 -30.39 -6.34 2.25
N LEU A 34 -29.07 -6.39 2.06
CA LEU A 34 -28.48 -6.40 0.72
C LEU A 34 -27.55 -7.60 0.63
N ASN A 35 -27.95 -8.60 -0.18
CA ASN A 35 -27.17 -9.82 -0.39
C ASN A 35 -26.87 -10.51 0.94
N LYS A 36 -27.95 -10.89 1.63
CA LYS A 36 -27.91 -11.70 2.86
C LYS A 36 -27.15 -11.01 4.00
N THR A 37 -27.06 -9.68 3.99
CA THR A 37 -26.39 -8.93 5.04
C THR A 37 -27.26 -7.75 5.45
N ILE A 38 -27.39 -7.52 6.75
CA ILE A 38 -28.12 -6.37 7.25
C ILE A 38 -27.18 -5.17 7.29
N TRP A 39 -27.56 -4.10 6.62
CA TRP A 39 -26.81 -2.85 6.62
C TRP A 39 -27.66 -1.81 7.33
N GLU A 40 -27.08 -1.15 8.34
CA GLU A 40 -27.75 -0.10 9.10
C GLU A 40 -26.87 1.14 9.04
N VAL A 41 -27.32 2.18 8.34
CA VAL A 41 -26.47 3.33 7.99
C VAL A 41 -27.25 4.63 8.15
N PRO A 42 -26.53 5.73 8.35
CA PRO A 42 -27.21 7.05 8.43
C PRO A 42 -27.94 7.39 7.14
N GLU A 43 -29.04 8.15 7.29
CA GLU A 43 -29.87 8.56 6.15
C GLU A 43 -29.10 9.28 5.06
N ARG A 44 -27.99 9.94 5.40
CA ARG A 44 -27.23 10.66 4.38
C ARG A 44 -26.76 9.75 3.26
N TYR A 45 -26.58 8.45 3.53
CA TYR A 45 -26.05 7.52 2.53
C TYR A 45 -27.21 6.84 1.81
N GLN A 46 -27.30 7.07 0.49
CA GLN A 46 -28.44 6.62 -0.31
C GLN A 46 -28.01 5.75 -1.48
N ASN A 47 -28.97 4.96 -1.97
CA ASN A 47 -28.81 4.13 -3.16
C ASN A 47 -27.62 3.16 -3.03
N LEU A 48 -27.60 2.42 -1.92
CA LEU A 48 -26.53 1.47 -1.68
C LEU A 48 -26.57 0.32 -2.68
N SER A 49 -25.39 -0.05 -3.19
CA SER A 49 -25.27 -1.08 -4.22
C SER A 49 -24.03 -1.96 -4.01
N PRO A 50 -24.20 -3.26 -3.76
CA PRO A 50 -23.04 -4.11 -3.46
C PRO A 50 -22.05 -4.13 -4.61
N VAL A 51 -20.75 -4.09 -4.28
CA VAL A 51 -19.72 -4.05 -5.31
C VAL A 51 -18.56 -4.99 -5.00
N GLY A 52 -18.46 -5.47 -3.76
CA GLY A 52 -17.31 -6.28 -3.40
C GLY A 52 -17.50 -7.02 -2.10
N SER A 53 -16.71 -8.08 -1.95
CA SER A 53 -16.75 -8.92 -0.75
C SER A 53 -15.35 -9.45 -0.43
N TYR A 56 -12.60 -9.73 4.75
CA TYR A 56 -12.49 -8.81 5.88
C TYR A 56 -13.71 -7.89 5.97
N GLY A 57 -14.59 -7.95 4.98
CA GLY A 57 -15.79 -7.15 5.00
C GLY A 57 -16.43 -7.07 3.62
N SER A 58 -17.67 -6.59 3.62
CA SER A 58 -18.43 -6.34 2.41
C SER A 58 -18.40 -4.85 2.09
N VAL A 59 -18.49 -4.51 0.80
CA VAL A 59 -18.45 -3.12 0.34
C VAL A 59 -19.66 -2.83 -0.53
N CYS A 60 -20.25 -1.65 -0.32
CA CYS A 60 -21.33 -1.09 -1.15
C CYS A 60 -20.91 0.28 -1.65
N ALA A 61 -21.28 0.59 -2.89
CA ALA A 61 -21.22 1.97 -3.37
C ALA A 61 -22.48 2.72 -2.94
N ALA A 62 -22.35 4.03 -2.72
CA ALA A 62 -23.48 4.84 -2.29
C ALA A 62 -23.26 6.30 -2.70
N PHE A 63 -24.35 7.07 -2.65
CA PHE A 63 -24.29 8.51 -2.82
C PHE A 63 -24.40 9.16 -1.45
N ASP A 64 -23.42 9.99 -1.10
CA ASP A 64 -23.42 10.73 0.17
C ASP A 64 -24.08 12.08 -0.05
N THR A 65 -25.31 12.25 0.44
CA THR A 65 -26.05 13.49 0.20
C THR A 65 -25.47 14.67 0.96
N LYS A 66 -24.63 14.44 1.98
CA LYS A 66 -24.04 15.56 2.71
C LYS A 66 -22.90 16.21 1.93
N THR A 67 -22.09 15.41 1.22
CA THR A 67 -20.91 15.93 0.52
C THR A 67 -21.07 15.99 -0.99
N GLY A 68 -22.03 15.26 -1.56
CA GLY A 68 -22.14 15.14 -3.00
C GLY A 68 -21.20 14.13 -3.64
N HIS A 69 -20.41 13.39 -2.85
CA HIS A 69 -19.47 12.41 -3.40
C HIS A 69 -20.13 11.04 -3.51
N ARG A 70 -19.69 10.29 -4.53
CA ARG A 70 -19.91 8.84 -4.55
C ARG A 70 -18.87 8.20 -3.65
N VAL A 71 -19.31 7.28 -2.78
CA VAL A 71 -18.45 6.75 -1.73
C VAL A 71 -18.53 5.24 -1.73
N ALA A 72 -17.51 4.62 -1.11
CA ALA A 72 -17.51 3.21 -0.77
C ALA A 72 -17.76 3.07 0.72
N VAL A 73 -18.76 2.26 1.10
CA VAL A 73 -19.07 1.98 2.50
C VAL A 73 -18.69 0.54 2.79
N LYS A 74 -17.74 0.33 3.70
CA LYS A 74 -17.27 -1.00 4.08
C LYS A 74 -17.77 -1.39 5.46
N LYS A 75 -18.53 -2.49 5.53
CA LYS A 75 -18.94 -3.07 6.81
C LYS A 75 -17.95 -4.15 7.20
N LEU A 76 -17.23 -3.94 8.31
CA LEU A 76 -16.22 -4.91 8.72
C LEU A 76 -16.87 -6.24 9.10
N SER A 77 -16.20 -7.34 8.77
CA SER A 77 -16.68 -8.68 9.07
C SER A 77 -16.03 -9.18 10.36
N ARG A 78 -16.86 -9.52 11.34
CA ARG A 78 -16.46 -10.01 12.66
C ARG A 78 -15.27 -9.24 13.22
N PRO A 79 -15.42 -7.92 13.45
CA PRO A 79 -14.26 -7.10 13.81
C PRO A 79 -13.65 -7.46 15.15
N PHE A 80 -14.37 -8.12 16.05
CA PHE A 80 -13.89 -8.37 17.40
C PHE A 80 -13.97 -9.85 17.74
N GLN A 81 -13.70 -10.72 16.76
CA GLN A 81 -13.86 -12.16 16.93
C GLN A 81 -12.74 -12.80 17.74
N SER A 82 -11.55 -12.20 17.75
CA SER A 82 -10.41 -12.70 18.50
C SER A 82 -9.54 -11.51 18.88
N ILE A 83 -8.56 -11.75 19.76
CA ILE A 83 -7.62 -10.69 20.10
C ILE A 83 -6.92 -10.19 18.85
N ILE A 84 -6.46 -11.11 17.99
CA ILE A 84 -5.78 -10.72 16.76
C ILE A 84 -6.69 -9.88 15.87
N HIS A 85 -7.95 -10.31 15.73
CA HIS A 85 -8.87 -9.56 14.88
C HIS A 85 -9.23 -8.21 15.49
N ALA A 86 -9.41 -8.15 16.80
CA ALA A 86 -9.77 -6.88 17.44
C ALA A 86 -8.63 -5.87 17.35
N LYS A 87 -7.39 -6.34 17.49
CA LYS A 87 -6.25 -5.44 17.33
C LYS A 87 -6.11 -4.99 15.88
N ARG A 88 -6.39 -5.87 14.92
CA ARG A 88 -6.35 -5.47 13.52
C ARG A 88 -7.39 -4.40 13.21
N THR A 89 -8.59 -4.51 13.78
CA THR A 89 -9.62 -3.48 13.58
C THR A 89 -9.14 -2.13 14.12
N TYR A 90 -8.56 -2.14 15.33
CA TYR A 90 -8.04 -0.90 15.90
C TYR A 90 -6.92 -0.31 15.06
N ARG A 91 -5.99 -1.17 14.61
CA ARG A 91 -4.88 -0.74 13.77
C ARG A 91 -5.37 -0.05 12.50
N GLU A 92 -6.35 -0.66 11.80
CA GLU A 92 -6.85 -0.08 10.55
C GLU A 92 -7.50 1.27 10.78
N LEU A 93 -8.34 1.39 11.82
CA LEU A 93 -9.01 2.67 12.08
C LEU A 93 -8.02 3.77 12.46
N ARG A 94 -7.03 3.45 13.32
CA ARG A 94 -6.01 4.44 13.67
C ARG A 94 -5.27 4.94 12.42
N LEU A 95 -4.89 4.02 11.53
CA LEU A 95 -4.13 4.40 10.35
C LEU A 95 -4.97 5.28 9.41
N LEU A 96 -6.21 4.86 9.15
CA LEU A 96 -7.06 5.63 8.22
C LEU A 96 -7.40 7.01 8.79
N LYS A 97 -7.61 7.12 10.11
CA LYS A 97 -7.86 8.44 10.70
C LYS A 97 -6.65 9.36 10.57
N HIS A 98 -5.44 8.81 10.49
CA HIS A 98 -4.25 9.67 10.46
C HIS A 98 -3.93 10.21 9.07
N MET A 99 -4.26 9.46 8.00
CA MET A 99 -3.74 9.78 6.66
C MET A 99 -4.48 10.97 6.05
N LYS A 100 -3.78 12.09 5.87
CA LYS A 100 -4.34 13.33 5.31
C LYS A 100 -3.36 13.91 4.29
N HIS A 101 -3.44 13.41 3.04
CA HIS A 101 -2.52 13.77 1.96
C HIS A 101 -3.21 13.51 0.61
N GLU A 102 -2.90 14.37 -0.36
CA GLU A 102 -3.53 14.30 -1.68
C GLU A 102 -3.30 12.98 -2.40
N ASN A 103 -2.17 12.32 -2.14
CA ASN A 103 -1.84 11.09 -2.87
C ASN A 103 -2.03 9.84 -2.01
N VAL A 104 -2.82 9.93 -0.93
CA VAL A 104 -3.10 8.80 -0.04
C VAL A 104 -4.60 8.76 0.25
N ILE A 105 -5.17 7.55 0.30
CA ILE A 105 -6.58 7.41 0.66
C ILE A 105 -6.82 7.96 2.05
N GLY A 106 -7.90 8.74 2.22
CA GLY A 106 -8.28 9.27 3.50
C GLY A 106 -9.64 8.74 3.94
N LEU A 107 -9.99 9.02 5.20
CA LEU A 107 -11.24 8.56 5.81
C LEU A 107 -12.29 9.67 5.76
N LEU A 108 -13.37 9.42 5.04
CA LEU A 108 -14.46 10.40 4.97
C LEU A 108 -15.39 10.33 6.19
N ASP A 109 -15.63 9.14 6.72
CA ASP A 109 -16.54 8.92 7.85
C ASP A 109 -16.30 7.54 8.44
N VAL A 110 -16.67 7.38 9.71
CA VAL A 110 -16.75 6.07 10.37
C VAL A 110 -17.94 6.11 11.32
N PHE A 111 -18.72 5.03 11.37
CA PHE A 111 -19.90 5.06 12.21
C PHE A 111 -20.25 3.66 12.73
N THR A 112 -21.11 3.65 13.76
CA THR A 112 -21.71 2.44 14.30
C THR A 112 -23.15 2.76 14.66
N PRO A 113 -24.08 1.84 14.46
CA PRO A 113 -25.46 2.07 14.95
C PRO A 113 -25.61 1.91 16.45
N ALA A 114 -24.61 1.38 17.15
CA ALA A 114 -24.72 1.21 18.60
C ALA A 114 -24.85 2.55 19.31
N ARG A 115 -25.63 2.58 20.39
CA ARG A 115 -25.80 3.78 21.20
C ARG A 115 -24.94 3.77 22.45
N SER A 116 -24.21 2.68 22.72
CA SER A 116 -23.35 2.59 23.89
C SER A 116 -22.28 1.56 23.61
N LEU A 117 -21.21 1.60 24.42
CA LEU A 117 -20.20 0.55 24.36
C LEU A 117 -20.80 -0.83 24.61
N GLU A 118 -21.82 -0.91 25.47
CA GLU A 118 -22.39 -2.20 25.82
C GLU A 118 -23.00 -2.92 24.61
N GLU A 119 -23.60 -2.17 23.68
CA GLU A 119 -24.21 -2.79 22.50
C GLU A 119 -23.36 -2.65 21.24
N PHE A 120 -22.09 -2.29 21.38
CA PHE A 120 -21.19 -2.03 20.25
C PHE A 120 -20.71 -3.34 19.63
N ASN A 121 -21.05 -3.56 18.36
CA ASN A 121 -20.63 -4.75 17.63
C ASN A 121 -20.14 -4.49 16.21
N ASP A 122 -20.65 -3.48 15.51
CA ASP A 122 -20.38 -3.31 14.08
C ASP A 122 -19.65 -2.00 13.83
N VAL A 123 -18.74 -2.03 12.85
CA VAL A 123 -17.96 -0.86 12.43
C VAL A 123 -18.08 -0.70 10.92
N TYR A 124 -18.40 0.52 10.47
CA TYR A 124 -18.49 0.86 9.05
C TYR A 124 -17.50 1.97 8.69
N LEU A 125 -16.74 1.80 7.60
CA LEU A 125 -15.77 2.78 7.12
C LEU A 125 -16.19 3.36 5.77
N VAL A 126 -16.07 4.68 5.61
CA VAL A 126 -16.51 5.37 4.39
C VAL A 126 -15.31 6.07 3.74
N THR A 127 -15.08 5.80 2.45
CA THR A 127 -14.02 6.44 1.66
C THR A 127 -14.58 6.90 0.30
N HIS A 128 -13.81 7.76 -0.36
CA HIS A 128 -14.13 8.12 -1.74
C HIS A 128 -14.16 6.87 -2.62
N LEU A 129 -15.18 6.79 -3.48
CA LEU A 129 -15.30 5.66 -4.38
C LEU A 129 -14.25 5.78 -5.49
N MET A 130 -13.42 4.75 -5.62
CA MET A 130 -12.35 4.75 -6.61
C MET A 130 -12.80 4.01 -7.87
N GLY A 131 -12.38 4.51 -9.02
CA GLY A 131 -12.70 3.86 -10.28
C GLY A 131 -11.60 2.94 -10.78
N ALA A 132 -10.83 3.43 -11.74
CA ALA A 132 -9.77 2.63 -12.32
C ALA A 132 -8.58 2.55 -11.36
N ASP A 133 -7.90 1.42 -11.38
CA ASP A 133 -6.59 1.29 -10.77
C ASP A 133 -5.52 1.31 -11.86
N LEU A 134 -4.26 1.22 -11.46
CA LEU A 134 -3.17 1.40 -12.40
C LEU A 134 -3.16 0.31 -13.46
N ASN A 135 -3.58 -0.92 -13.09
CA ASN A 135 -3.69 -2.00 -14.07
C ASN A 135 -4.59 -1.59 -15.24
N ASN A 136 -5.74 -0.98 -14.94
CA ASN A 136 -6.65 -0.49 -15.96
C ASN A 136 -6.12 0.69 -16.76
N ILE A 137 -4.84 1.04 -16.58
CA ILE A 137 -4.16 2.02 -17.42
C ILE A 137 -2.96 1.38 -18.11
N VAL A 138 -2.14 0.66 -17.36
CA VAL A 138 -1.07 -0.16 -17.90
C VAL A 138 -1.61 -1.15 -18.91
N GLN A 141 -3.63 1.22 -22.12
CA GLN A 141 -3.37 2.50 -22.75
C GLN A 141 -1.93 2.60 -23.26
N LYS A 142 -1.59 3.75 -23.85
CA LYS A 142 -0.26 4.04 -24.36
C LYS A 142 0.35 5.15 -23.51
N LEU A 143 1.41 4.82 -22.78
CA LEU A 143 2.01 5.72 -21.79
C LEU A 143 3.21 6.43 -22.41
N THR A 144 3.18 7.75 -22.41
CA THR A 144 4.38 8.50 -22.75
C THR A 144 5.34 8.50 -21.57
N ASP A 145 6.59 8.90 -21.83
CA ASP A 145 7.52 9.12 -20.72
C ASP A 145 6.99 10.20 -19.77
N ASP A 146 6.26 11.19 -20.30
N ASP A 146 6.27 11.19 -20.30
CA ASP A 146 5.68 12.21 -19.44
CA ASP A 146 5.68 12.21 -19.44
C ASP A 146 4.65 11.61 -18.49
C ASP A 146 4.65 11.62 -18.49
N HIS A 147 3.89 10.62 -18.95
CA HIS A 147 2.94 9.95 -18.06
C HIS A 147 3.66 9.19 -16.96
N VAL A 148 4.75 8.50 -17.30
CA VAL A 148 5.49 7.75 -16.28
C VAL A 148 6.07 8.70 -15.24
N GLN A 149 6.64 9.82 -15.67
CA GLN A 149 7.14 10.83 -14.72
C GLN A 149 6.06 11.23 -13.71
N PHE A 150 4.86 11.57 -14.21
CA PHE A 150 3.81 12.10 -13.35
C PHE A 150 3.28 11.05 -12.39
N LEU A 151 3.09 9.82 -12.86
CA LEU A 151 2.56 8.76 -12.01
C LEU A 151 3.55 8.40 -10.92
N ILE A 152 4.82 8.18 -11.29
CA ILE A 152 5.79 7.79 -10.26
C ILE A 152 6.07 8.94 -9.30
N TYR A 153 6.07 10.19 -9.80
CA TYR A 153 6.21 11.35 -8.92
C TYR A 153 5.16 11.32 -7.82
N GLN A 154 3.91 11.05 -8.17
CA GLN A 154 2.83 11.07 -7.19
C GLN A 154 2.97 9.94 -6.18
N ILE A 155 3.37 8.73 -6.62
CA ILE A 155 3.62 7.64 -5.67
C ILE A 155 4.68 8.05 -4.66
N LEU A 156 5.79 8.64 -5.15
CA LEU A 156 6.88 9.04 -4.26
C LEU A 156 6.47 10.18 -3.32
N ARG A 157 5.65 11.12 -3.81
CA ARG A 157 5.15 12.20 -2.95
C ARG A 157 4.31 11.62 -1.80
N GLY A 158 3.42 10.68 -2.11
CA GLY A 158 2.67 10.01 -1.06
C GLY A 158 3.54 9.21 -0.12
N LEU A 159 4.58 8.54 -0.65
CA LEU A 159 5.45 7.71 0.18
C LEU A 159 6.31 8.56 1.12
N LYS A 160 6.80 9.71 0.64
CA LYS A 160 7.51 10.61 1.55
C LYS A 160 6.65 10.93 2.76
N TYR A 161 5.37 11.22 2.54
CA TYR A 161 4.46 11.50 3.64
C TYR A 161 4.29 10.29 4.55
N ILE A 162 3.97 9.13 3.97
CA ILE A 162 3.77 7.90 4.75
C ILE A 162 5.01 7.56 5.57
N HIS A 163 6.18 7.60 4.93
CA HIS A 163 7.39 7.19 5.64
C HIS A 163 7.78 8.17 6.74
N SER A 164 7.42 9.45 6.60
CA SER A 164 7.74 10.45 7.63
C SER A 164 7.01 10.19 8.94
N ALA A 165 5.94 9.38 8.91
CA ALA A 165 5.24 8.96 10.12
C ALA A 165 5.70 7.58 10.59
N ASP A 166 6.81 7.06 10.05
CA ASP A 166 7.31 5.72 10.34
C ASP A 166 6.25 4.65 10.09
N ILE A 167 5.48 4.83 9.02
CA ILE A 167 4.56 3.81 8.52
C ILE A 167 5.19 3.13 7.30
N ILE A 168 5.08 1.81 7.22
CA ILE A 168 5.51 1.04 6.05
C ILE A 168 4.26 0.53 5.37
N HIS A 169 4.11 0.79 4.06
CA HIS A 169 2.92 0.30 3.36
C HIS A 169 2.93 -1.22 3.23
N ARG A 170 4.02 -1.77 2.66
CA ARG A 170 4.29 -3.20 2.57
C ARG A 170 3.63 -3.92 1.40
N ASP A 171 2.63 -3.32 0.74
CA ASP A 171 1.86 -4.05 -0.27
C ASP A 171 1.61 -3.17 -1.50
N LEU A 172 2.61 -2.38 -1.89
CA LEU A 172 2.47 -1.54 -3.08
C LEU A 172 2.52 -2.41 -4.34
N LYS A 173 1.53 -2.23 -5.21
CA LYS A 173 1.38 -2.95 -6.46
C LYS A 173 0.29 -2.23 -7.28
N PRO A 174 0.21 -2.48 -8.60
CA PRO A 174 -0.72 -1.68 -9.42
C PRO A 174 -2.18 -1.71 -8.95
N SER A 175 -2.67 -2.84 -8.44
CA SER A 175 -4.07 -2.90 -8.00
C SER A 175 -4.34 -2.09 -6.73
N ASN A 176 -3.30 -1.59 -6.05
CA ASN A 176 -3.46 -0.77 -4.86
C ASN A 176 -3.17 0.70 -5.14
N LEU A 177 -3.28 1.10 -6.40
CA LEU A 177 -3.05 2.49 -6.83
C LEU A 177 -4.25 2.91 -7.67
N ALA A 178 -5.00 3.90 -7.19
CA ALA A 178 -6.16 4.40 -7.93
C ALA A 178 -5.75 5.56 -8.82
N VAL A 179 -6.27 5.59 -10.05
CA VAL A 179 -5.92 6.62 -11.03
C VAL A 179 -7.19 7.10 -11.72
N ASN A 180 -7.31 8.41 -11.93
CA ASN A 180 -8.50 8.98 -12.59
C ASN A 180 -8.16 9.40 -14.02
N GLU A 181 -9.15 10.02 -14.68
CA GLU A 181 -9.00 10.40 -16.08
C GLU A 181 -7.92 11.45 -16.29
N ASP A 182 -7.63 12.27 -15.28
CA ASP A 182 -6.58 13.26 -15.37
C ASP A 182 -5.22 12.77 -14.87
N CYS A 183 -5.03 11.45 -14.78
CA CYS A 183 -3.77 10.83 -14.38
C CYS A 183 -3.40 11.12 -12.92
N GLU A 184 -4.37 11.50 -12.09
CA GLU A 184 -4.14 11.75 -10.67
C GLU A 184 -4.27 10.44 -9.89
N LEU A 185 -3.37 10.24 -8.91
CA LEU A 185 -3.14 8.94 -8.29
C LEU A 185 -3.27 9.01 -6.76
N LYS A 186 -3.82 7.95 -6.17
CA LYS A 186 -3.88 7.79 -4.71
C LYS A 186 -3.42 6.38 -4.32
N ILE A 187 -2.63 6.30 -3.25
CA ILE A 187 -2.22 5.02 -2.65
C ILE A 187 -3.34 4.50 -1.74
N LEU A 188 -3.69 3.21 -1.87
CA LEU A 188 -4.66 2.63 -0.94
C LEU A 188 -4.23 1.25 -0.45
N ASP A 189 -5.09 0.62 0.36
CA ASP A 189 -4.98 -0.77 0.83
C ASP A 189 -3.63 -1.03 1.50
N PHE A 190 -3.37 -0.28 2.57
CA PHE A 190 -2.18 -0.47 3.38
C PHE A 190 -2.09 -1.91 3.88
N GLY A 191 -0.86 -2.42 4.00
CA GLY A 191 -0.63 -3.73 4.56
C GLY A 191 -0.91 -3.78 6.05
N LEU A 192 -1.92 -4.54 6.45
CA LEU A 192 -2.32 -4.57 7.86
C LEU A 192 -2.03 -5.90 8.53
N HIS A 195 -1.58 -10.88 4.55
CA HIS A 195 -1.56 -11.91 3.52
C HIS A 195 -1.09 -13.26 4.08
N THR A 196 -1.71 -14.33 3.62
CA THR A 196 -1.43 -15.68 4.09
C THR A 196 -0.34 -16.34 3.24
N ASP A 197 0.17 -17.47 3.74
CA ASP A 197 1.14 -18.25 2.97
C ASP A 197 0.57 -18.65 1.62
N ASP A 198 -0.69 -19.06 1.60
CA ASP A 198 -1.32 -19.50 0.36
C ASP A 198 -1.37 -18.38 -0.67
N GLU A 199 -1.68 -17.17 -0.22
CA GLU A 199 -1.85 -16.06 -1.15
C GLU A 199 -0.53 -15.67 -1.83
N MET A 200 0.61 -16.04 -1.24
CA MET A 200 1.92 -15.72 -1.80
C MET A 200 2.54 -16.86 -2.61
N THR A 201 1.81 -17.94 -2.87
CA THR A 201 2.35 -19.14 -3.50
C THR A 201 2.11 -19.14 -5.00
N GLY A 202 3.16 -19.45 -5.77
CA GLY A 202 3.02 -19.68 -7.20
C GLY A 202 3.13 -18.47 -8.11
N TYR A 203 2.44 -18.51 -9.25
CA TYR A 203 2.51 -17.46 -10.27
C TYR A 203 1.44 -16.40 -9.95
N VAL A 204 1.76 -15.51 -9.02
CA VAL A 204 0.77 -14.60 -8.43
C VAL A 204 1.33 -13.19 -8.31
N ALA A 205 0.53 -12.19 -8.73
CA ALA A 205 0.93 -10.79 -8.63
C ALA A 205 1.08 -10.31 -7.19
N THR A 206 0.50 -11.02 -6.22
CA THR A 206 0.68 -10.67 -4.82
C THR A 206 2.12 -10.79 -4.34
N ARG A 207 3.02 -11.46 -5.09
CA ARG A 207 4.42 -11.57 -4.71
C ARG A 207 5.39 -10.84 -5.64
N TRP A 208 4.98 -10.53 -6.88
CA TRP A 208 5.91 -10.03 -7.90
C TRP A 208 6.53 -8.68 -7.56
N TYR A 209 5.91 -7.89 -6.66
CA TYR A 209 6.38 -6.55 -6.33
C TYR A 209 7.08 -6.48 -4.96
N ARG A 210 7.26 -7.62 -4.27
CA ARG A 210 7.86 -7.64 -2.94
C ARG A 210 9.40 -7.67 -2.99
N ALA A 211 10.02 -6.93 -2.07
CA ALA A 211 11.48 -6.93 -1.97
C ALA A 211 11.99 -8.30 -1.54
N PRO A 212 13.15 -8.74 -2.05
CA PRO A 212 13.63 -10.09 -1.74
C PRO A 212 13.83 -10.36 -0.25
N GLU A 213 14.22 -9.34 0.54
CA GLU A 213 14.49 -9.57 1.96
C GLU A 213 13.20 -9.88 2.74
N ILE A 214 12.06 -9.41 2.26
CA ILE A 214 10.81 -9.77 2.93
C ILE A 214 10.19 -11.01 2.31
N MET A 215 10.39 -11.23 1.00
CA MET A 215 9.85 -12.42 0.35
C MET A 215 10.43 -13.70 0.96
N LEU A 216 11.71 -13.64 1.35
CA LEU A 216 12.42 -14.80 1.87
C LEU A 216 12.79 -14.67 3.34
N ASN A 217 12.27 -13.67 4.05
CA ASN A 217 12.53 -13.50 5.48
C ASN A 217 14.04 -13.47 5.80
N TRP A 218 14.78 -12.65 5.03
CA TRP A 218 16.23 -12.59 5.20
C TRP A 218 16.63 -11.90 6.50
N MET A 219 15.86 -10.90 6.92
CA MET A 219 16.28 -10.00 7.98
C MET A 219 15.06 -9.17 8.38
N HIS A 220 15.21 -8.43 9.49
CA HIS A 220 14.21 -7.44 9.84
C HIS A 220 14.16 -6.37 8.76
N TYR A 221 12.96 -6.14 8.22
CA TYR A 221 12.78 -5.17 7.14
C TYR A 221 12.35 -3.82 7.70
N ASN A 222 12.47 -2.80 6.86
CA ASN A 222 12.05 -1.44 7.20
C ASN A 222 11.43 -0.80 5.96
N GLN A 223 11.30 0.53 5.97
CA GLN A 223 10.52 1.21 4.94
C GLN A 223 11.14 1.10 3.55
N THR A 224 12.42 0.71 3.46
CA THR A 224 13.08 0.56 2.16
C THR A 224 12.40 -0.50 1.28
N VAL A 225 11.59 -1.40 1.86
CA VAL A 225 10.90 -2.38 1.03
C VAL A 225 9.94 -1.71 0.05
N ASP A 226 9.36 -0.57 0.43
CA ASP A 226 8.41 0.10 -0.46
C ASP A 226 9.11 0.67 -1.70
N ILE A 227 10.37 1.10 -1.56
CA ILE A 227 11.09 1.65 -2.73
C ILE A 227 11.38 0.55 -3.76
N TRP A 228 11.66 -0.67 -3.31
CA TRP A 228 11.80 -1.79 -4.24
C TRP A 228 10.51 -1.94 -5.06
N SER A 229 9.36 -1.88 -4.39
CA SER A 229 8.08 -2.02 -5.09
C SER A 229 7.88 -0.91 -6.13
N VAL A 230 8.24 0.34 -5.79
CA VAL A 230 8.13 1.43 -6.77
C VAL A 230 8.98 1.15 -8.01
N GLY A 231 10.21 0.63 -7.81
CA GLY A 231 11.05 0.29 -8.95
C GLY A 231 10.41 -0.75 -9.86
N CYS A 232 9.78 -1.76 -9.26
CA CYS A 232 9.07 -2.79 -10.02
C CYS A 232 7.91 -2.19 -10.81
N ILE A 233 7.18 -1.25 -10.19
CA ILE A 233 6.03 -0.61 -10.85
C ILE A 233 6.50 0.29 -11.99
N MET A 234 7.54 1.09 -11.75
CA MET A 234 8.06 1.99 -12.78
C MET A 234 8.55 1.21 -14.01
N ALA A 235 9.28 0.11 -13.79
CA ALA A 235 9.74 -0.73 -14.90
C ALA A 235 8.59 -1.21 -15.75
N GLU A 236 7.51 -1.66 -15.11
CA GLU A 236 6.35 -2.18 -15.82
C GLU A 236 5.62 -1.08 -16.59
N LEU A 237 5.60 0.16 -16.08
CA LEU A 237 5.03 1.26 -16.87
C LEU A 237 5.86 1.56 -18.11
N LEU A 238 7.18 1.40 -18.03
CA LEU A 238 8.05 1.69 -19.17
C LEU A 238 8.02 0.60 -20.23
N THR A 239 7.87 -0.68 -19.83
CA THR A 239 7.94 -1.79 -20.79
C THR A 239 6.59 -2.40 -21.15
N GLY A 240 5.56 -2.17 -20.33
CA GLY A 240 4.28 -2.82 -20.47
C GLY A 240 4.22 -4.23 -19.91
N ARG A 241 5.30 -4.70 -19.27
CA ARG A 241 5.42 -6.09 -18.85
C ARG A 241 5.86 -6.16 -17.39
N THR A 242 5.40 -7.19 -16.66
CA THR A 242 5.89 -7.44 -15.30
C THR A 242 7.41 -7.62 -15.29
N LEU A 243 8.08 -6.97 -14.32
CA LEU A 243 9.55 -7.05 -14.25
C LEU A 243 10.01 -8.43 -13.78
N PHE A 244 9.46 -8.95 -12.67
CA PHE A 244 9.88 -10.22 -12.07
C PHE A 244 8.69 -11.17 -11.90
N PRO A 245 8.10 -11.66 -13.00
CA PRO A 245 6.93 -12.57 -12.90
C PRO A 245 7.31 -14.02 -12.57
N GLY A 246 7.82 -14.24 -11.36
CA GLY A 246 8.28 -15.57 -10.99
C GLY A 246 7.14 -16.56 -10.81
N THR A 247 7.44 -17.83 -11.14
CA THR A 247 6.44 -18.89 -10.97
C THR A 247 6.38 -19.42 -9.54
N ASP A 248 7.33 -19.04 -8.69
CA ASP A 248 7.39 -19.37 -7.27
C ASP A 248 8.49 -18.52 -6.65
N HIS A 249 8.65 -18.61 -5.33
CA HIS A 249 9.66 -17.79 -4.62
C HIS A 249 11.06 -17.92 -5.23
N ILE A 250 11.49 -19.17 -5.51
CA ILE A 250 12.86 -19.41 -5.96
C ILE A 250 13.06 -18.96 -7.40
N ASP A 251 12.08 -19.24 -8.27
CA ASP A 251 12.16 -18.73 -9.64
C ASP A 251 12.25 -17.22 -9.65
N GLN A 252 11.47 -16.56 -8.79
CA GLN A 252 11.50 -15.09 -8.73
C GLN A 252 12.86 -14.58 -8.25
N LEU A 253 13.43 -15.22 -7.22
CA LEU A 253 14.77 -14.80 -6.76
C LEU A 253 15.78 -14.89 -7.90
N LYS A 254 15.70 -15.95 -8.72
CA LYS A 254 16.65 -16.12 -9.82
C LYS A 254 16.50 -15.01 -10.87
N LEU A 255 15.26 -14.62 -11.19
CA LEU A 255 15.04 -13.48 -12.07
C LEU A 255 15.63 -12.20 -11.49
N ILE A 256 15.47 -11.99 -10.17
CA ILE A 256 15.99 -10.78 -9.53
C ILE A 256 17.52 -10.74 -9.61
N LEU A 257 18.17 -11.83 -9.20
CA LEU A 257 19.64 -11.84 -9.16
C LEU A 257 20.27 -11.78 -10.55
N ARG A 258 19.57 -12.26 -11.58
CA ARG A 258 20.10 -12.11 -12.94
C ARG A 258 20.18 -10.64 -13.35
N LEU A 259 19.20 -9.82 -12.95
CA LEU A 259 19.22 -8.40 -13.28
C LEU A 259 20.20 -7.62 -12.40
N VAL A 260 20.13 -7.78 -11.08
CA VAL A 260 20.89 -6.89 -10.18
C VAL A 260 22.21 -7.49 -9.70
N GLY A 261 22.47 -8.77 -9.97
CA GLY A 261 23.70 -9.42 -9.56
C GLY A 261 23.54 -10.20 -8.25
N THR A 262 24.38 -11.22 -8.08
CA THR A 262 24.39 -11.94 -6.81
C THR A 262 25.03 -11.11 -5.70
N PRO A 263 24.67 -11.37 -4.44
CA PRO A 263 25.20 -10.52 -3.35
C PRO A 263 26.67 -10.75 -3.09
N GLY A 264 27.32 -9.68 -2.63
CA GLY A 264 28.66 -9.76 -2.10
C GLY A 264 28.67 -10.05 -0.60
N ALA A 265 29.88 -10.17 -0.06
CA ALA A 265 30.04 -10.58 1.33
C ALA A 265 29.41 -9.59 2.29
N GLU A 266 29.36 -8.32 1.89
CA GLU A 266 28.81 -7.27 2.76
C GLU A 266 27.33 -7.46 3.01
N LEU A 267 26.55 -7.73 1.97
CA LEU A 267 25.14 -8.02 2.18
C LEU A 267 24.95 -9.39 2.82
N LEU A 268 25.78 -10.37 2.46
CA LEU A 268 25.62 -11.71 3.01
C LEU A 268 25.69 -11.70 4.54
N LYS A 269 26.54 -10.84 5.11
CA LYS A 269 26.67 -10.74 6.56
C LYS A 269 25.39 -10.23 7.22
N LYS A 270 24.53 -9.54 6.48
CA LYS A 270 23.31 -8.97 7.03
C LYS A 270 22.11 -9.92 6.99
N ILE A 271 22.27 -11.07 6.34
CA ILE A 271 21.19 -12.06 6.25
C ILE A 271 21.28 -12.96 7.48
N SER A 272 20.19 -12.98 8.27
CA SER A 272 20.23 -13.53 9.62
C SER A 272 20.14 -15.04 9.64
N SER A 273 19.48 -15.64 8.64
CA SER A 273 19.32 -17.09 8.61
C SER A 273 20.55 -17.72 7.99
N GLU A 274 21.19 -18.62 8.75
CA GLU A 274 22.28 -19.42 8.21
C GLU A 274 21.82 -20.24 7.02
N SER A 275 20.59 -20.76 7.06
CA SER A 275 20.08 -21.53 5.94
C SER A 275 19.98 -20.68 4.67
N ALA A 276 19.40 -19.48 4.79
CA ALA A 276 19.27 -18.61 3.62
C ALA A 276 20.64 -18.21 3.07
N ARG A 277 21.59 -17.88 3.96
CA ARG A 277 22.95 -17.58 3.51
C ARG A 277 23.53 -18.76 2.73
N ASN A 278 23.38 -19.96 3.29
CA ASN A 278 23.86 -21.15 2.61
C ASN A 278 23.24 -21.31 1.23
N TYR A 279 21.93 -21.08 1.12
CA TYR A 279 21.30 -21.26 -0.19
C TYR A 279 21.85 -20.25 -1.19
N ILE A 280 21.98 -18.98 -0.79
CA ILE A 280 22.48 -17.97 -1.73
C ILE A 280 23.86 -18.34 -2.24
N GLN A 281 24.74 -18.81 -1.35
CA GLN A 281 26.09 -19.18 -1.75
C GLN A 281 26.13 -20.40 -2.66
N SER A 282 25.04 -21.16 -2.76
CA SER A 282 25.02 -22.28 -3.69
C SER A 282 24.84 -21.85 -5.14
N LEU A 283 24.45 -20.60 -5.39
CA LEU A 283 24.21 -20.11 -6.75
C LEU A 283 25.50 -19.58 -7.36
N ALA A 284 25.69 -19.82 -8.65
CA ALA A 284 26.85 -19.27 -9.35
C ALA A 284 26.77 -17.75 -9.38
N GLN A 285 27.91 -17.08 -9.27
CA GLN A 285 27.90 -15.64 -9.18
C GLN A 285 27.61 -15.00 -10.53
N MET A 286 26.90 -13.86 -10.50
CA MET A 286 26.47 -13.16 -11.70
C MET A 286 26.68 -11.67 -11.49
N PRO A 287 27.13 -10.93 -12.50
CA PRO A 287 27.24 -9.46 -12.40
C PRO A 287 25.90 -8.76 -12.64
N LYS A 288 25.80 -7.54 -12.10
CA LYS A 288 24.69 -6.65 -12.46
C LYS A 288 24.67 -6.42 -13.97
N MET A 289 23.48 -6.48 -14.57
CA MET A 289 23.33 -6.24 -16.00
C MET A 289 23.36 -4.75 -16.33
N ASN A 290 23.53 -4.43 -17.62
CA ASN A 290 23.44 -3.07 -18.13
C ASN A 290 21.96 -2.70 -18.32
N PHE A 291 21.46 -1.76 -17.49
CA PHE A 291 20.02 -1.44 -17.52
C PHE A 291 19.62 -0.73 -18.81
N ALA A 292 20.54 -0.01 -19.48
CA ALA A 292 20.18 0.58 -20.77
C ALA A 292 19.91 -0.48 -21.83
N ASN A 293 20.50 -1.67 -21.69
CA ASN A 293 20.25 -2.76 -22.61
C ASN A 293 19.04 -3.61 -22.20
N VAL A 294 18.50 -3.40 -21.01
CA VAL A 294 17.25 -4.04 -20.59
C VAL A 294 16.05 -3.17 -20.93
N PHE A 295 16.12 -1.90 -20.56
CA PHE A 295 15.04 -0.93 -20.76
C PHE A 295 15.34 -0.10 -22.02
N ILE A 296 15.32 -0.84 -23.14
CA ILE A 296 15.77 -0.31 -24.43
C ILE A 296 14.95 0.90 -24.83
N GLY A 297 15.63 2.01 -25.12
CA GLY A 297 14.99 3.22 -25.56
C GLY A 297 14.42 4.11 -24.48
N ALA A 298 14.51 3.71 -23.22
CA ALA A 298 13.96 4.55 -22.16
C ALA A 298 14.81 5.80 -21.95
N ASN A 299 14.16 6.87 -21.45
CA ASN A 299 14.83 8.09 -20.98
C ASN A 299 16.06 7.71 -20.15
N PRO A 300 17.26 8.18 -20.50
CA PRO A 300 18.45 7.85 -19.67
C PRO A 300 18.29 8.22 -18.20
N LEU A 301 17.51 9.26 -17.91
CA LEU A 301 17.27 9.63 -16.51
C LEU A 301 16.36 8.63 -15.81
N ALA A 302 15.43 8.03 -16.55
CA ALA A 302 14.63 6.94 -15.97
C ALA A 302 15.51 5.72 -15.67
N VAL A 303 16.42 5.38 -16.59
CA VAL A 303 17.33 4.26 -16.34
C VAL A 303 18.16 4.49 -15.07
N ASP A 304 18.66 5.72 -14.90
CA ASP A 304 19.47 6.04 -13.73
C ASP A 304 18.67 5.86 -12.44
N LEU A 305 17.43 6.34 -12.42
CA LEU A 305 16.61 6.21 -11.21
C LEU A 305 16.31 4.74 -10.90
N LEU A 306 16.01 3.94 -11.92
CA LEU A 306 15.77 2.51 -11.68
C LEU A 306 17.00 1.83 -11.05
N GLU A 307 18.21 2.20 -11.50
CA GLU A 307 19.42 1.62 -10.91
C GLU A 307 19.56 1.98 -9.44
N LYS A 308 19.00 3.13 -9.03
CA LYS A 308 19.09 3.56 -7.64
C LYS A 308 17.98 2.99 -6.76
N MET A 309 16.86 2.57 -7.35
N MET A 309 16.87 2.55 -7.36
CA MET A 309 15.80 1.92 -6.59
CA MET A 309 15.78 1.93 -6.60
C MET A 309 16.03 0.42 -6.46
C MET A 309 15.90 0.41 -6.52
N LEU A 310 16.44 -0.24 -7.55
CA LEU A 310 16.52 -1.70 -7.59
C LEU A 310 17.92 -2.17 -7.17
N VAL A 311 18.23 -1.90 -5.91
CA VAL A 311 19.50 -2.27 -5.28
C VAL A 311 19.21 -3.38 -4.28
N LEU A 312 19.98 -4.47 -4.34
CA LEU A 312 19.69 -5.63 -3.51
C LEU A 312 19.82 -5.29 -2.02
N ASP A 313 20.91 -4.61 -1.63
CA ASP A 313 21.13 -4.19 -0.23
C ASP A 313 20.23 -3.02 0.10
N SER A 314 19.24 -3.23 0.98
CA SER A 314 18.24 -2.20 1.26
C SER A 314 18.83 -0.96 1.94
N ASP A 315 19.95 -1.09 2.67
CA ASP A 315 20.63 0.07 3.23
C ASP A 315 21.05 1.08 2.17
N LYS A 316 21.23 0.65 0.92
CA LYS A 316 21.82 1.47 -0.13
C LYS A 316 20.81 1.95 -1.17
N ARG A 317 19.54 1.57 -1.05
CA ARG A 317 18.50 2.12 -1.92
C ARG A 317 18.28 3.61 -1.67
N ILE A 318 17.90 4.32 -2.74
CA ILE A 318 17.46 5.71 -2.62
C ILE A 318 16.16 5.78 -1.77
N THR A 319 16.00 6.87 -1.00
CA THR A 319 14.76 7.07 -0.24
C THR A 319 13.75 7.88 -1.05
N ALA A 320 12.50 7.92 -0.58
CA ALA A 320 11.47 8.70 -1.28
C ALA A 320 11.84 10.18 -1.31
N ALA A 321 12.29 10.74 -0.17
CA ALA A 321 12.66 12.14 -0.15
C ALA A 321 13.82 12.44 -1.10
N GLN A 322 14.81 11.55 -1.17
CA GLN A 322 15.90 11.75 -2.11
C GLN A 322 15.43 11.61 -3.56
N ALA A 323 14.53 10.66 -3.84
CA ALA A 323 14.10 10.43 -5.22
C ALA A 323 13.29 11.60 -5.79
N LEU A 324 12.54 12.32 -4.94
CA LEU A 324 11.78 13.46 -5.42
C LEU A 324 12.68 14.54 -6.03
N ALA A 325 13.93 14.61 -5.58
CA ALA A 325 14.89 15.60 -6.07
C ALA A 325 15.71 15.11 -7.26
N HIS A 326 15.46 13.89 -7.73
CA HIS A 326 16.16 13.36 -8.90
C HIS A 326 15.74 14.11 -10.16
N ALA A 327 16.69 14.28 -11.09
CA ALA A 327 16.41 15.10 -12.28
C ALA A 327 15.31 14.54 -13.17
N TYR A 328 14.98 13.24 -13.07
CA TYR A 328 13.85 12.70 -13.84
C TYR A 328 12.55 13.45 -13.56
N PHE A 329 12.37 14.01 -12.36
CA PHE A 329 11.12 14.67 -11.98
C PHE A 329 11.19 16.20 -12.05
N ALA A 330 12.15 16.75 -12.81
CA ALA A 330 12.37 18.20 -12.80
C ALA A 330 11.12 19.00 -13.14
N GLN A 331 10.26 18.48 -14.02
CA GLN A 331 9.06 19.22 -14.41
C GLN A 331 8.03 19.30 -13.28
N TYR A 332 8.07 18.40 -12.29
CA TYR A 332 7.03 18.33 -11.28
C TYR A 332 7.49 18.65 -9.86
N HIS A 333 8.79 18.50 -9.56
CA HIS A 333 9.29 18.66 -8.20
C HIS A 333 9.10 20.09 -7.70
N ASP A 334 8.49 20.22 -6.52
CA ASP A 334 8.31 21.51 -5.85
C ASP A 334 8.55 21.25 -4.37
N PRO A 335 9.72 21.59 -3.84
CA PRO A 335 10.04 21.26 -2.44
C PRO A 335 9.20 22.00 -1.42
N ASP A 336 8.43 23.01 -1.83
CA ASP A 336 7.49 23.67 -0.93
C ASP A 336 6.09 23.06 -0.98
N ASP A 337 5.90 22.01 -1.77
CA ASP A 337 4.58 21.37 -1.90
C ASP A 337 4.72 19.87 -1.85
N GLU A 338 5.59 19.37 -0.95
CA GLU A 338 5.78 17.94 -0.73
C GLU A 338 5.76 17.68 0.78
N PRO A 339 4.58 17.71 1.39
CA PRO A 339 4.48 17.78 2.85
C PRO A 339 4.76 16.46 3.55
N VAL A 340 5.11 16.58 4.84
CA VAL A 340 5.30 15.43 5.72
C VAL A 340 4.11 15.29 6.65
N ALA A 341 4.05 14.17 7.36
CA ALA A 341 2.91 13.84 8.21
C ALA A 341 3.09 14.35 9.64
N ASP A 342 1.96 14.57 10.32
CA ASP A 342 2.00 14.76 11.77
C ASP A 342 2.58 13.50 12.42
N PRO A 343 3.24 13.64 13.57
CA PRO A 343 3.76 12.44 14.26
C PRO A 343 2.65 11.43 14.58
N TYR A 344 3.01 10.14 14.49
CA TYR A 344 2.07 9.02 14.61
C TYR A 344 2.55 8.08 15.73
N ASP A 345 1.71 7.91 16.76
CA ASP A 345 2.04 7.07 17.93
C ASP A 345 1.60 5.63 17.68
N GLN A 346 2.58 4.73 17.49
CA GLN A 346 2.33 3.31 17.27
C GLN A 346 2.66 2.45 18.48
N SER A 347 2.71 3.03 19.67
CA SER A 347 3.11 2.26 20.84
C SER A 347 2.11 1.15 21.14
N PHE A 348 0.87 1.24 20.63
CA PHE A 348 -0.10 0.18 20.86
C PHE A 348 0.35 -1.15 20.28
N GLU A 349 1.24 -1.12 19.29
CA GLU A 349 1.60 -2.35 18.58
C GLU A 349 2.33 -3.34 19.48
N SER A 350 3.00 -2.88 20.54
CA SER A 350 3.67 -3.76 21.47
C SER A 350 2.89 -3.93 22.77
N ARG A 351 1.62 -3.56 22.78
CA ARG A 351 0.78 -3.64 23.97
C ARG A 351 0.00 -4.95 23.96
N ASP A 352 -0.18 -5.54 25.15
CA ASP A 352 -0.91 -6.79 25.32
C ASP A 352 -2.23 -6.50 26.03
N LEU A 353 -3.34 -6.58 25.29
CA LEU A 353 -4.66 -6.26 25.81
C LEU A 353 -5.65 -7.40 25.54
N LEU A 354 -6.72 -7.42 26.33
CA LEU A 354 -7.83 -8.35 26.11
C LEU A 354 -8.76 -7.84 25.01
N ILE A 355 -9.60 -8.74 24.50
CA ILE A 355 -10.50 -8.39 23.38
C ILE A 355 -11.34 -7.18 23.73
N ASP A 356 -11.96 -7.18 24.92
CA ASP A 356 -12.85 -6.08 25.27
C ASP A 356 -12.10 -4.76 25.48
N GLU A 357 -10.79 -4.82 25.73
CA GLU A 357 -9.97 -3.61 25.87
C GLU A 357 -9.66 -3.01 24.49
N TRP A 358 -9.31 -3.86 23.51
CA TRP A 358 -9.17 -3.39 22.13
C TRP A 358 -10.49 -2.84 21.60
N LYS A 359 -11.59 -3.51 21.93
CA LYS A 359 -12.91 -3.05 21.49
C LYS A 359 -13.24 -1.68 22.05
N SER A 360 -12.94 -1.45 23.34
CA SER A 360 -13.24 -0.16 23.95
C SER A 360 -12.36 0.94 23.35
N LEU A 361 -11.08 0.65 23.07
CA LEU A 361 -10.24 1.63 22.39
C LEU A 361 -10.79 1.99 21.01
N THR A 362 -11.27 0.97 20.27
CA THR A 362 -11.86 1.23 18.95
C THR A 362 -13.10 2.10 19.07
N TYR A 363 -13.95 1.82 20.06
CA TYR A 363 -15.15 2.62 20.27
C TYR A 363 -14.80 4.10 20.49
N ASP A 364 -13.80 4.37 21.34
CA ASP A 364 -13.38 5.75 21.56
C ASP A 364 -12.97 6.43 20.26
N GLU A 365 -12.27 5.71 19.37
CA GLU A 365 -11.82 6.31 18.12
C GLU A 365 -13.00 6.55 17.15
N VAL A 366 -14.03 5.70 17.19
CA VAL A 366 -15.22 5.93 16.37
C VAL A 366 -15.91 7.21 16.80
N ILE A 367 -16.16 7.36 18.11
CA ILE A 367 -16.97 8.50 18.56
C ILE A 367 -16.19 9.82 18.55
N SER A 368 -14.87 9.79 18.53
CA SER A 368 -14.09 11.02 18.49
C SER A 368 -13.77 11.50 17.07
N PHE A 369 -14.19 10.77 16.05
CA PHE A 369 -13.86 11.14 14.68
C PHE A 369 -14.41 12.52 14.32
N VAL A 370 -13.58 13.34 13.69
CA VAL A 370 -14.00 14.64 13.19
C VAL A 370 -13.82 14.63 11.67
N PRO A 371 -14.86 14.89 10.89
CA PRO A 371 -14.75 14.76 9.42
C PRO A 371 -13.86 15.84 8.83
N PRO A 372 -13.35 15.61 7.62
CA PRO A 372 -12.56 16.63 6.95
C PRO A 372 -13.43 17.80 6.53
N PRO A 373 -12.84 18.98 6.28
CA PRO A 373 -13.51 20.18 5.77
C PRO A 373 -14.51 19.91 4.63
C4 LOQ B . 10.90 -1.63 -23.45
C5 LOQ B . 12.14 -2.22 -23.18
C6 LOQ B . 12.23 -3.61 -23.19
C7 LOQ B . 10.10 0.50 -24.50
C8 LOQ B . 10.18 1.99 -24.18
C10 LOQ B . 11.28 0.66 -22.47
N LOQ B . 10.77 -0.21 -23.47
C LOQ B . 11.19 -5.86 -23.51
O LOQ B . 9.55 -0.02 -25.46
C1 LOQ B . 11.09 -4.39 -23.47
C2 LOQ B . 9.86 -3.78 -23.74
C3 LOQ B . 9.75 -2.40 -23.73
C9 LOQ B . 10.93 2.10 -22.84
O1 LOQ B . 11.88 0.30 -21.50
CL CL C . -27.92 11.26 8.18
CL CL D . -23.36 -2.19 16.60
CL CL E . -9.07 10.48 -0.14
CL CL F . -0.69 9.72 17.04
CL CL G . -1.47 -5.79 -8.91
MG MG H . -5.99 -4.12 -2.87
S SO4 I . 3.10 -9.81 -18.53
O1 SO4 I . 2.71 -8.65 -17.73
O2 SO4 I . 4.55 -9.93 -18.53
O3 SO4 I . 2.53 -11.03 -17.97
O4 SO4 I . 2.58 -9.63 -19.89
S SO4 J . -5.26 -8.56 -2.77
O1 SO4 J . -4.26 -7.74 -2.07
O2 SO4 J . -5.27 -8.21 -4.19
O3 SO4 J . -4.94 -9.97 -2.63
O4 SO4 J . -6.58 -8.30 -2.20
C1 EDO K . 8.07 5.53 -22.16
O1 EDO K . 9.44 5.32 -22.55
C2 EDO K . 7.31 4.20 -22.15
O2 EDO K . 5.95 4.45 -21.74
C1 EDO L . 11.42 -6.76 -20.11
O1 EDO L . 10.11 -6.30 -20.46
C2 EDO L . 11.88 -5.99 -18.88
O2 EDO L . 10.81 -6.13 -17.93
#